data_6ET4
#
_entry.id   6ET4
#
_cell.length_a   90.860
_cell.length_b   90.860
_cell.length_c   122.700
_cell.angle_alpha   90.00
_cell.angle_beta   90.00
_cell.angle_gamma   120.00
#
_symmetry.space_group_name_H-M   'P 32 2 1'
#
loop_
_entity.id
_entity.type
_entity.pdbx_description
1 polymer 'Dihydroorotate dehydrogenase (quinone), mitochondrial'
2 non-polymer 'FLAVIN MONONUCLEOTIDE'
3 non-polymer '(4S)-2,6-DIOXOHEXAHYDROPYRIMIDINE-4-CARBOXYLIC ACID'
4 non-polymer N-[(4R)-1-(2-fluorophenyl)-4,5,6,7-tetrahydroindazol-4-yl]-2,1-benzoxazole-3-carboxamide
5 non-polymer DECYLAMINE-N,N-DIMETHYL-N-OXIDE
6 non-polymer 'ACETIC ACID'
7 non-polymer GLYCEROL
8 non-polymer 'SULFATE ION'
9 non-polymer 'CHLORIDE ION'
10 water water
#
_entity_poly.entity_id   1
_entity_poly.type   'polypeptide(L)'
_entity_poly.pdbx_seq_one_letter_code
;MATGDERFYAEHLMPTLQGLLDPESAHRLAVRFTSLGLLPRARFQDSDMLEVRVLGHKFRNPVGIAAGFDKHGEAVDGLY
KMGFGFVEIGSVTPKPQEGNPRPRVFRLPEDQAVINRYGFNSHGLSVVEHRLRARQQKQAKLTEDGLPLGVNLGKNKTSV
DAAEDYAEGVRVLGPLADYLVVNVSSPNTAGLRSLQGKAELRRLLTKVLQERDGLRRVHRPAVLVKIAPDLTSQDKEDIA
SVVKELGIDGLIVTNTTVSRPAGLQGALRSETGGLSGKPLRDLSTQTIREMYALTQGRVPIIGVGGVSSGQDALEKIRAG
ASLVQLYTALTFWGPPVVGKVKRELEALLKEQGFGGVTDAIGADHRR
;
_entity_poly.pdbx_strand_id   A
#
loop_
_chem_comp.id
_chem_comp.type
_chem_comp.name
_chem_comp.formula
ACY non-polymer 'ACETIC ACID' 'C2 H4 O2'
CL non-polymer 'CHLORIDE ION' 'Cl -1'
DDQ non-polymer DECYLAMINE-N,N-DIMETHYL-N-OXIDE 'C12 H27 N O'
DOR non-polymer '(4S)-2,6-DIOXOHEXAHYDROPYRIMIDINE-4-CARBOXYLIC ACID' 'C5 H6 N2 O4'
FMN non-polymer 'FLAVIN MONONUCLEOTIDE' 'C17 H21 N4 O9 P'
GOL non-polymer GLYCEROL 'C3 H8 O3'
SDV non-polymer N-[(4R)-1-(2-fluorophenyl)-4,5,6,7-tetrahydroindazol-4-yl]-2,1-benzoxazole-3-carboxamide 'C21 H17 F N4 O2'
SO4 non-polymer 'SULFATE ION' 'O4 S -2'
#
# COMPACT_ATOMS: atom_id res chain seq x y z
N MET A 1 11.77 26.09 -8.77
CA MET A 1 10.52 25.43 -8.29
C MET A 1 10.44 24.02 -8.86
N ALA A 2 9.91 23.13 -8.01
CA ALA A 2 9.70 21.70 -8.30
C ALA A 2 8.60 21.50 -9.33
N THR A 3 7.66 22.44 -9.37
CA THR A 3 6.63 22.43 -10.39
C THR A 3 7.24 22.31 -11.82
N GLY A 4 8.51 22.71 -12.04
CA GLY A 4 9.16 22.48 -13.31
C GLY A 4 9.29 21.02 -13.76
N ASP A 5 9.94 20.21 -12.90
CA ASP A 5 10.02 18.77 -13.07
C ASP A 5 8.56 18.24 -13.14
N GLU A 6 7.64 18.74 -12.30
CA GLU A 6 6.30 18.11 -12.22
C GLU A 6 5.62 18.25 -13.56
N ARG A 7 5.69 19.47 -14.10
CA ARG A 7 5.03 19.76 -15.37
C ARG A 7 5.69 19.00 -16.53
N PHE A 8 7.02 18.94 -16.53
CA PHE A 8 7.73 18.28 -17.58
C PHE A 8 7.36 16.80 -17.61
N TYR A 9 7.38 16.19 -16.44
CA TYR A 9 6.94 14.78 -16.34
C TYR A 9 5.52 14.56 -16.81
N ALA A 10 4.61 15.36 -16.25
CA ALA A 10 3.20 15.12 -16.42
C ALA A 10 2.75 15.41 -17.85
N GLU A 11 3.34 16.45 -18.44
CA GLU A 11 2.83 16.96 -19.71
C GLU A 11 3.61 16.44 -20.92
N HIS A 12 4.86 16.02 -20.72
CA HIS A 12 5.71 15.57 -21.84
C HIS A 12 6.32 14.19 -21.67
N LEU A 13 7.15 14.00 -20.63
CA LEU A 13 7.90 12.69 -20.53
C LEU A 13 6.99 11.51 -20.35
N MET A 14 6.11 11.62 -19.35
CA MET A 14 5.21 10.49 -19.10
C MET A 14 4.28 10.10 -20.24
N PRO A 15 3.58 11.07 -20.86
CA PRO A 15 2.76 10.65 -22.01
C PRO A 15 3.61 10.09 -23.16
N THR A 16 4.84 10.58 -23.36
CA THR A 16 5.72 9.97 -24.37
C THR A 16 6.05 8.50 -24.07
N LEU A 17 6.43 8.23 -22.83
CA LEU A 17 6.76 6.86 -22.43
C LEU A 17 5.56 5.94 -22.49
N GLN A 18 4.38 6.51 -22.24
CA GLN A 18 3.15 5.71 -22.28
C GLN A 18 2.91 5.23 -23.72
N GLY A 19 3.26 6.05 -24.68
CA GLY A 19 3.11 5.64 -26.07
C GLY A 19 4.16 4.67 -26.58
N LEU A 20 5.33 4.67 -25.98
CA LEU A 20 6.40 3.78 -26.38
C LEU A 20 6.43 2.44 -25.69
N LEU A 21 5.89 2.29 -24.50
CA LEU A 21 6.13 1.06 -23.70
C LEU A 21 4.83 0.45 -23.31
N ASP A 22 4.78 -0.88 -23.35
CA ASP A 22 3.64 -1.56 -22.83
C ASP A 22 3.72 -1.45 -21.29
N PRO A 23 2.58 -1.57 -20.62
CA PRO A 23 2.61 -1.26 -19.17
C PRO A 23 3.49 -2.15 -18.32
N GLU A 24 3.60 -3.43 -18.60
CA GLU A 24 4.48 -4.27 -17.81
C GLU A 24 5.98 -3.90 -18.06
N SER A 25 6.35 -3.60 -19.31
CA SER A 25 7.69 -3.11 -19.57
C SER A 25 7.98 -1.79 -18.83
N ALA A 26 7.01 -0.87 -18.85
CA ALA A 26 7.13 0.39 -18.13
C ALA A 26 7.36 0.14 -16.62
N HIS A 27 6.60 -0.80 -16.06
CA HIS A 27 6.78 -1.18 -14.62
C HIS A 27 8.22 -1.65 -14.35
N ARG A 28 8.67 -2.57 -15.20
CA ARG A 28 10.02 -3.11 -15.06
C ARG A 28 11.08 -1.98 -15.17
N LEU A 29 10.93 -1.07 -16.15
CA LEU A 29 11.88 0.01 -16.30
C LEU A 29 11.86 0.98 -15.11
N ALA A 30 10.68 1.26 -14.60
CA ALA A 30 10.55 2.12 -13.46
C ALA A 30 11.24 1.50 -12.22
N VAL A 31 11.03 0.22 -12.02
CA VAL A 31 11.75 -0.48 -10.94
C VAL A 31 13.27 -0.45 -11.13
N ARG A 32 13.72 -0.71 -12.34
CA ARG A 32 15.16 -0.70 -12.60
C ARG A 32 15.76 0.68 -12.36
N PHE A 33 15.15 1.75 -12.94
CA PHE A 33 15.70 3.09 -12.72
C PHE A 33 15.71 3.47 -11.25
N THR A 34 14.65 3.08 -10.56
CA THR A 34 14.52 3.43 -9.16
C THR A 34 15.61 2.73 -8.35
N SER A 35 15.81 1.46 -8.67
CA SER A 35 16.80 0.61 -7.98
CA SER A 35 16.79 0.63 -7.97
C SER A 35 18.21 1.18 -8.10
N LEU A 36 18.49 1.81 -9.24
CA LEU A 36 19.78 2.45 -9.50
C LEU A 36 19.89 3.90 -8.99
N GLY A 37 18.82 4.45 -8.42
CA GLY A 37 18.78 5.82 -7.93
C GLY A 37 18.82 6.88 -9.02
N LEU A 38 18.36 6.53 -10.19
CA LEU A 38 18.36 7.43 -11.37
C LEU A 38 17.07 8.21 -11.37
N LEU A 39 17.03 9.24 -10.54
CA LEU A 39 15.79 9.90 -10.22
C LEU A 39 15.91 11.40 -10.34
N PRO A 40 14.81 12.07 -10.80
CA PRO A 40 14.88 13.52 -10.70
C PRO A 40 15.12 13.94 -9.23
N ARG A 41 15.70 15.11 -9.09
CA ARG A 41 15.92 15.73 -7.77
C ARG A 41 14.57 15.80 -7.01
N ALA A 42 14.53 15.30 -5.78
CA ALA A 42 13.32 15.48 -4.94
C ALA A 42 13.57 16.75 -4.14
N ARG A 43 13.03 17.84 -4.67
CA ARG A 43 13.28 19.21 -4.18
C ARG A 43 12.63 19.48 -2.82
N PHE A 44 11.72 18.60 -2.42
CA PHE A 44 10.95 18.81 -1.19
C PHE A 44 11.62 18.33 0.13
N GLN A 45 11.74 19.26 1.10
CA GLN A 45 12.33 18.95 2.41
C GLN A 45 11.23 18.66 3.41
N ASP A 46 11.19 17.47 4.02
CA ASP A 46 10.05 17.14 4.88
C ASP A 46 10.03 18.08 6.11
N SER A 47 8.88 18.62 6.42
CA SER A 47 8.72 19.43 7.60
C SER A 47 8.23 18.63 8.74
N ASP A 48 8.41 19.18 9.93
CA ASP A 48 7.95 18.53 11.15
C ASP A 48 6.44 18.31 11.16
N MET A 49 5.67 19.11 10.41
CA MET A 49 4.23 19.01 10.33
C MET A 49 3.81 17.65 9.75
N LEU A 50 4.70 17.06 8.95
CA LEU A 50 4.37 15.79 8.29
C LEU A 50 4.76 14.56 9.07
N GLU A 51 5.47 14.69 10.18
CA GLU A 51 5.85 13.53 10.95
C GLU A 51 4.66 12.89 11.71
N VAL A 52 4.60 11.56 11.70
CA VAL A 52 3.57 10.79 12.32
C VAL A 52 4.22 9.67 13.14
N ARG A 53 3.75 9.49 14.38
CA ARG A 53 4.17 8.36 15.19
C ARG A 53 3.03 7.38 15.33
N VAL A 54 3.23 6.22 14.75
CA VAL A 54 2.22 5.13 14.78
C VAL A 54 2.89 3.76 14.58
N LEU A 55 2.22 2.65 14.92
CA LEU A 55 2.76 1.28 14.66
C LEU A 55 4.09 0.99 15.35
N GLY A 56 4.38 1.76 16.40
CA GLY A 56 5.69 1.64 17.10
C GLY A 56 6.86 2.36 16.44
N HIS A 57 6.57 3.19 15.46
CA HIS A 57 7.58 3.80 14.67
C HIS A 57 7.30 5.36 14.40
N LYS A 58 8.37 6.09 14.16
CA LYS A 58 8.32 7.41 13.56
C LYS A 58 8.31 7.28 12.05
N PHE A 59 7.43 8.05 11.45
CA PHE A 59 7.37 8.16 9.96
C PHE A 59 7.66 9.64 9.63
N ARG A 60 8.75 9.91 8.90
CA ARG A 60 9.16 11.27 8.58
C ARG A 60 8.06 12.03 7.79
N ASN A 61 7.32 11.29 6.94
CA ASN A 61 6.14 11.84 6.25
C ASN A 61 5.17 10.71 6.08
N PRO A 62 3.91 11.01 5.77
CA PRO A 62 2.90 9.99 5.82
C PRO A 62 2.57 9.39 4.47
N VAL A 63 3.40 9.63 3.46
CA VAL A 63 3.15 9.15 2.11
C VAL A 63 4.06 7.97 1.75
N GLY A 64 3.47 6.79 1.62
CA GLY A 64 4.19 5.55 1.29
C GLY A 64 3.95 5.11 -0.11
N ILE A 65 4.77 4.20 -0.55
CA ILE A 65 4.56 3.46 -1.81
C ILE A 65 3.84 2.15 -1.45
N ALA A 66 2.70 1.94 -2.09
CA ALA A 66 1.85 0.77 -1.86
C ALA A 66 2.53 -0.49 -2.41
N ALA A 67 2.12 -1.65 -1.88
CA ALA A 67 2.55 -2.95 -2.38
C ALA A 67 2.25 -3.09 -3.86
N GLY A 68 3.08 -3.86 -4.51
CA GLY A 68 2.86 -4.19 -5.89
C GLY A 68 3.75 -3.47 -6.87
N PHE A 69 4.45 -2.45 -6.42
CA PHE A 69 5.41 -1.74 -7.23
C PHE A 69 6.77 -2.43 -7.17
N ASP A 70 7.31 -2.48 -5.94
CA ASP A 70 8.54 -3.28 -5.68
C ASP A 70 8.15 -4.63 -5.05
N LYS A 71 7.72 -5.55 -5.90
CA LYS A 71 7.22 -6.82 -5.47
C LYS A 71 8.30 -7.61 -4.76
N HIS A 72 9.56 -7.48 -5.19
CA HIS A 72 10.59 -8.41 -4.75
C HIS A 72 11.70 -7.72 -3.95
N GLY A 73 11.47 -6.49 -3.48
CA GLY A 73 12.41 -5.78 -2.64
C GLY A 73 13.71 -5.37 -3.28
N GLU A 74 13.64 -4.94 -4.53
CA GLU A 74 14.76 -4.54 -5.38
C GLU A 74 15.08 -3.07 -5.41
N ALA A 75 14.15 -2.27 -4.95
CA ALA A 75 14.21 -0.82 -5.18
C ALA A 75 13.95 -0.01 -3.92
N VAL A 76 14.13 -0.61 -2.76
CA VAL A 76 13.68 0.04 -1.54
C VAL A 76 14.46 1.35 -1.32
N ASP A 77 15.81 1.34 -1.47
CA ASP A 77 16.52 2.54 -1.22
C ASP A 77 16.20 3.70 -2.18
N GLY A 78 15.98 3.36 -3.45
CA GLY A 78 15.58 4.39 -4.43
C GLY A 78 14.21 4.93 -4.16
N LEU A 79 13.32 4.13 -3.54
CA LEU A 79 12.02 4.62 -3.15
C LEU A 79 12.08 5.63 -2.01
N TYR A 80 12.96 5.40 -1.05
CA TYR A 80 13.18 6.47 -0.08
C TYR A 80 13.74 7.73 -0.74
N LYS A 81 14.69 7.55 -1.67
CA LYS A 81 15.26 8.67 -2.40
C LYS A 81 14.20 9.48 -3.13
N MET A 82 13.18 8.80 -3.61
CA MET A 82 12.08 9.42 -4.33
C MET A 82 11.21 10.33 -3.41
N GLY A 83 11.32 10.10 -2.10
CA GLY A 83 10.66 10.93 -1.08
C GLY A 83 9.56 10.25 -0.27
N PHE A 84 9.38 8.96 -0.48
CA PHE A 84 8.37 8.23 0.28
C PHE A 84 8.82 8.17 1.75
N GLY A 85 7.87 8.35 2.66
CA GLY A 85 8.13 8.23 4.11
C GLY A 85 8.20 6.80 4.60
N PHE A 86 7.73 5.85 3.79
CA PHE A 86 7.78 4.46 4.11
C PHE A 86 7.60 3.65 2.86
N VAL A 87 8.11 2.45 2.87
CA VAL A 87 8.08 1.58 1.69
C VAL A 87 7.45 0.25 2.05
N GLU A 88 6.51 -0.24 1.27
CA GLU A 88 5.98 -1.58 1.40
C GLU A 88 6.33 -2.40 0.17
N ILE A 89 7.00 -3.50 0.38
CA ILE A 89 7.37 -4.43 -0.65
C ILE A 89 6.38 -5.60 -0.69
N GLY A 90 6.39 -6.32 -1.77
CA GLY A 90 5.53 -7.46 -1.97
C GLY A 90 4.38 -7.19 -2.90
N SER A 91 3.40 -8.10 -2.96
CA SER A 91 3.29 -9.29 -2.13
C SER A 91 4.33 -10.37 -2.47
N VAL A 92 4.86 -11.00 -1.42
CA VAL A 92 5.84 -12.06 -1.54
C VAL A 92 5.15 -13.38 -1.18
N THR A 93 5.31 -14.40 -2.02
CA THR A 93 4.75 -15.70 -1.77
C THR A 93 5.84 -16.65 -1.22
N PRO A 94 5.43 -17.74 -0.55
CA PRO A 94 6.48 -18.67 -0.02
C PRO A 94 7.46 -19.22 -1.02
N LYS A 95 6.95 -19.80 -2.08
CA LYS A 95 7.74 -20.32 -3.17
C LYS A 95 7.71 -19.34 -4.29
N PRO A 96 8.76 -19.30 -5.11
CA PRO A 96 8.66 -18.49 -6.34
C PRO A 96 7.46 -18.93 -7.19
N GLN A 97 6.84 -17.94 -7.87
CA GLN A 97 5.84 -18.29 -8.89
C GLN A 97 5.71 -17.23 -9.92
N GLU A 98 5.33 -17.69 -11.11
CA GLU A 98 5.34 -16.79 -12.30
C GLU A 98 4.21 -15.75 -12.38
N GLY A 99 3.11 -16.03 -11.73
CA GLY A 99 1.92 -15.20 -11.96
C GLY A 99 1.13 -15.65 -13.22
N ASN A 100 0.18 -14.77 -13.60
CA ASN A 100 -0.63 -15.04 -14.77
C ASN A 100 0.10 -14.79 -16.11
N PRO A 101 -0.46 -15.39 -17.20
CA PRO A 101 0.08 -15.09 -18.56
C PRO A 101 -0.03 -13.61 -18.97
N ARG A 102 0.90 -13.12 -19.79
CA ARG A 102 0.87 -11.78 -20.37
C ARG A 102 0.05 -11.66 -21.65
N PRO A 103 -0.60 -10.54 -21.88
CA PRO A 103 -0.67 -9.35 -21.04
C PRO A 103 -1.60 -9.55 -19.77
N ARG A 104 -1.16 -8.82 -18.74
CA ARG A 104 -1.80 -8.98 -17.39
C ARG A 104 -1.90 -7.65 -16.67
N VAL A 105 -1.61 -6.56 -17.36
CA VAL A 105 -1.64 -5.17 -16.82
CA VAL A 105 -1.81 -5.23 -16.78
C VAL A 105 -2.12 -4.27 -17.94
N PHE A 106 -3.02 -3.33 -17.62
CA PHE A 106 -3.67 -2.52 -18.65
C PHE A 106 -3.84 -1.08 -18.14
N ARG A 107 -3.50 -0.11 -18.94
CA ARG A 107 -3.76 1.28 -18.64
C ARG A 107 -5.13 1.72 -19.15
N LEU A 108 -5.78 2.59 -18.36
CA LEU A 108 -7.03 3.25 -18.71
C LEU A 108 -6.75 4.73 -18.56
N PRO A 109 -6.05 5.26 -19.56
CA PRO A 109 -5.58 6.65 -19.40
C PRO A 109 -6.70 7.68 -19.23
N GLU A 110 -7.80 7.50 -19.95
CA GLU A 110 -8.93 8.37 -19.87
C GLU A 110 -9.56 8.44 -18.50
N ASP A 111 -9.29 7.43 -17.71
CA ASP A 111 -9.83 7.29 -16.37
C ASP A 111 -8.79 7.52 -15.28
N GLN A 112 -7.56 7.73 -15.66
CA GLN A 112 -6.45 7.79 -14.69
C GLN A 112 -6.48 6.54 -13.82
N ALA A 113 -6.61 5.40 -14.46
CA ALA A 113 -6.76 4.14 -13.83
C ALA A 113 -5.88 3.05 -14.48
N VAL A 114 -5.73 1.94 -13.75
CA VAL A 114 -5.05 0.73 -14.19
C VAL A 114 -5.88 -0.45 -13.80
N ILE A 115 -5.85 -1.50 -14.62
CA ILE A 115 -6.40 -2.77 -14.23
C ILE A 115 -5.25 -3.77 -14.30
N ASN A 116 -5.06 -4.51 -13.21
CA ASN A 116 -4.04 -5.58 -13.20
C ASN A 116 -4.55 -6.91 -12.75
N ARG A 117 -3.95 -7.95 -13.36
CA ARG A 117 -4.18 -9.35 -12.92
C ARG A 117 -2.82 -10.05 -12.94
N TYR A 118 -1.88 -9.45 -12.22
CA TYR A 118 -0.52 -10.07 -12.14
C TYR A 118 -0.53 -11.48 -11.61
N GLY A 119 -1.37 -11.71 -10.61
CA GLY A 119 -1.49 -13.04 -9.98
C GLY A 119 -0.34 -13.41 -9.06
N PHE A 120 0.18 -12.41 -8.34
CA PHE A 120 1.24 -12.63 -7.34
CA PHE A 120 1.26 -12.58 -7.36
C PHE A 120 2.51 -13.26 -7.96
N ASN A 121 3.01 -12.68 -9.02
CA ASN A 121 4.32 -13.03 -9.52
C ASN A 121 5.30 -12.67 -8.40
N SER A 122 6.11 -13.62 -8.03
CA SER A 122 6.99 -13.41 -6.84
C SER A 122 8.28 -14.22 -6.97
N HIS A 123 9.40 -13.60 -6.60
CA HIS A 123 10.68 -14.29 -6.47
C HIS A 123 10.72 -15.29 -5.30
N GLY A 124 9.73 -15.17 -4.42
CA GLY A 124 9.60 -16.06 -3.29
C GLY A 124 10.37 -15.58 -2.04
N LEU A 125 10.00 -16.16 -0.90
CA LEU A 125 10.55 -15.72 0.37
C LEU A 125 12.07 -15.77 0.49
N SER A 126 12.69 -16.88 0.04
CA SER A 126 14.12 -17.06 0.22
C SER A 126 14.91 -15.98 -0.50
N VAL A 127 14.54 -15.71 -1.77
CA VAL A 127 15.22 -14.69 -2.54
C VAL A 127 15.08 -13.29 -1.89
N VAL A 128 13.83 -12.97 -1.50
CA VAL A 128 13.61 -11.68 -0.89
C VAL A 128 14.32 -11.59 0.48
N GLU A 129 14.31 -12.67 1.25
CA GLU A 129 15.02 -12.70 2.53
C GLU A 129 16.50 -12.32 2.35
N HIS A 130 17.14 -12.97 1.38
CA HIS A 130 18.55 -12.70 1.18
C HIS A 130 18.77 -11.28 0.68
N ARG A 131 17.86 -10.76 -0.13
CA ARG A 131 17.99 -9.40 -0.62
C ARG A 131 17.89 -8.38 0.54
N LEU A 132 16.92 -8.63 1.45
CA LEU A 132 16.75 -7.71 2.58
C LEU A 132 17.89 -7.87 3.61
N ARG A 133 18.39 -9.10 3.74
CA ARG A 133 19.52 -9.32 4.67
C ARG A 133 20.76 -8.52 4.24
N ALA A 134 20.94 -8.34 2.93
CA ALA A 134 22.12 -7.65 2.40
C ALA A 134 22.16 -6.18 2.78
N ARG A 135 21.00 -5.63 3.16
CA ARG A 135 20.84 -4.23 3.55
C ARG A 135 20.16 -4.04 4.92
N GLN A 136 20.21 -5.09 5.76
CA GLN A 136 19.47 -5.09 7.03
C GLN A 136 19.91 -3.96 7.95
N GLN A 137 21.20 -3.69 8.08
CA GLN A 137 21.59 -2.68 9.02
C GLN A 137 21.39 -1.31 8.44
N LYS A 138 21.50 -1.17 7.13
CA LYS A 138 21.13 0.09 6.46
C LYS A 138 19.67 0.38 6.74
N GLN A 139 18.80 -0.63 6.65
CA GLN A 139 17.39 -0.43 6.95
C GLN A 139 17.16 -0.12 8.44
N ALA A 140 17.91 -0.74 9.34
CA ALA A 140 17.73 -0.39 10.75
C ALA A 140 17.96 1.07 10.95
N LYS A 141 19.01 1.65 10.33
CA LYS A 141 19.29 3.07 10.42
C LYS A 141 18.21 3.94 9.81
N LEU A 142 17.70 3.52 8.67
CA LEU A 142 16.62 4.25 7.98
C LEU A 142 15.37 4.28 8.89
N THR A 143 15.02 3.14 9.44
CA THR A 143 13.88 3.03 10.32
C THR A 143 14.04 3.98 11.53
N GLU A 144 15.21 3.96 12.11
CA GLU A 144 15.52 4.78 13.29
C GLU A 144 15.39 6.27 12.89
N ASP A 145 15.70 6.58 11.64
CA ASP A 145 15.62 7.93 11.09
CA ASP A 145 15.62 7.95 11.10
C ASP A 145 14.23 8.30 10.55
N GLY A 146 13.25 7.45 10.79
CA GLY A 146 11.88 7.74 10.41
C GLY A 146 11.42 7.25 9.05
N LEU A 147 12.07 6.21 8.53
CA LEU A 147 11.77 5.64 7.20
C LEU A 147 11.59 4.13 7.29
N PRO A 148 10.39 3.70 7.77
CA PRO A 148 10.13 2.27 7.99
C PRO A 148 9.86 1.48 6.72
N LEU A 149 10.00 0.18 6.86
CA LEU A 149 9.79 -0.85 5.84
C LEU A 149 8.71 -1.81 6.21
N GLY A 150 7.74 -1.94 5.30
CA GLY A 150 6.73 -2.95 5.37
C GLY A 150 6.90 -4.06 4.36
N VAL A 151 6.45 -5.25 4.72
CA VAL A 151 6.47 -6.44 3.90
C VAL A 151 5.06 -7.03 3.79
N ASN A 152 4.53 -7.15 2.58
CA ASN A 152 3.24 -7.67 2.31
C ASN A 152 3.36 -9.13 1.85
N LEU A 153 2.71 -10.00 2.61
CA LEU A 153 2.83 -11.39 2.43
C LEU A 153 1.64 -11.96 1.66
N GLY A 154 1.92 -12.78 0.69
CA GLY A 154 0.90 -13.49 -0.04
C GLY A 154 1.00 -15.00 0.10
N LYS A 155 0.12 -15.67 -0.64
CA LYS A 155 0.13 -17.11 -0.65
CA LYS A 155 0.04 -17.12 -0.66
C LYS A 155 0.30 -17.64 -2.09
N ASN A 156 0.84 -18.84 -2.21
CA ASN A 156 1.00 -19.40 -3.51
C ASN A 156 -0.35 -19.89 -4.08
N LYS A 157 -0.44 -19.88 -5.41
CA LYS A 157 -1.64 -20.30 -6.15
C LYS A 157 -2.06 -21.71 -5.80
N THR A 158 -1.10 -22.60 -5.64
CA THR A 158 -1.45 -24.02 -5.42
C THR A 158 -1.40 -24.44 -3.95
N SER A 159 -1.24 -23.50 -3.03
CA SER A 159 -1.15 -23.89 -1.61
C SER A 159 -2.44 -24.56 -1.10
N VAL A 160 -2.28 -25.62 -0.27
CA VAL A 160 -3.37 -26.36 0.38
C VAL A 160 -3.76 -25.78 1.74
N ASP A 161 -3.00 -24.82 2.25
CA ASP A 161 -3.20 -24.33 3.60
C ASP A 161 -2.74 -22.87 3.62
N ALA A 162 -3.66 -21.95 3.37
CA ALA A 162 -3.34 -20.52 3.36
C ALA A 162 -2.65 -19.98 4.60
N ALA A 163 -3.19 -20.35 5.75
CA ALA A 163 -2.64 -19.88 7.01
C ALA A 163 -1.18 -20.31 7.10
N GLU A 164 -0.84 -21.52 6.65
CA GLU A 164 0.55 -21.96 6.70
C GLU A 164 1.47 -21.08 5.80
N ASP A 165 0.99 -20.71 4.61
CA ASP A 165 1.74 -19.83 3.74
C ASP A 165 2.03 -18.48 4.47
N TYR A 166 1.02 -17.89 5.09
CA TYR A 166 1.24 -16.65 5.80
C TYR A 166 2.18 -16.83 7.00
N ALA A 167 2.00 -17.91 7.77
CA ALA A 167 2.92 -18.21 8.87
C ALA A 167 4.36 -18.33 8.42
N GLU A 168 4.60 -18.99 7.28
CA GLU A 168 5.97 -19.10 6.72
C GLU A 168 6.53 -17.71 6.44
N GLY A 169 5.69 -16.83 5.85
CA GLY A 169 6.12 -15.48 5.63
C GLY A 169 6.49 -14.69 6.87
N VAL A 170 5.67 -14.85 7.91
CA VAL A 170 5.98 -14.19 9.18
C VAL A 170 7.33 -14.69 9.70
N ARG A 171 7.56 -15.99 9.67
CA ARG A 171 8.83 -16.52 10.16
C ARG A 171 10.06 -16.05 9.38
N VAL A 172 9.93 -15.94 8.05
CA VAL A 172 11.07 -15.69 7.20
C VAL A 172 11.32 -14.20 7.05
N LEU A 173 10.26 -13.45 6.79
CA LEU A 173 10.42 -11.99 6.56
C LEU A 173 10.03 -11.08 7.71
N GLY A 174 9.29 -11.62 8.68
CA GLY A 174 9.02 -10.86 9.86
C GLY A 174 10.19 -10.25 10.57
N PRO A 175 11.30 -11.00 10.67
CA PRO A 175 12.44 -10.41 11.36
C PRO A 175 13.15 -9.27 10.64
N LEU A 176 12.78 -9.05 9.37
CA LEU A 176 13.40 -8.05 8.55
C LEU A 176 12.47 -6.82 8.27
N ALA A 177 11.29 -6.84 8.87
CA ALA A 177 10.24 -5.88 8.57
C ALA A 177 9.83 -5.04 9.76
N ASP A 178 9.48 -3.80 9.57
CA ASP A 178 8.81 -3.03 10.62
C ASP A 178 7.35 -3.36 10.79
N TYR A 179 6.70 -3.69 9.68
CA TYR A 179 5.36 -4.21 9.72
C TYR A 179 5.17 -5.20 8.60
N LEU A 180 4.27 -6.15 8.85
CA LEU A 180 3.82 -7.15 7.93
C LEU A 180 2.42 -6.90 7.57
N VAL A 181 2.02 -7.28 6.37
CA VAL A 181 0.65 -7.17 5.91
C VAL A 181 0.15 -8.50 5.41
N VAL A 182 -0.95 -8.91 5.98
N VAL A 182 -1.09 -8.84 5.75
CA VAL A 182 -1.58 -10.12 5.58
CA VAL A 182 -1.79 -9.94 5.09
C VAL A 182 -2.56 -9.64 4.57
C VAL A 182 -3.15 -9.48 4.50
N ASN A 183 -2.19 -9.93 3.32
N ASN A 183 -3.39 -9.85 3.22
CA ASN A 183 -2.97 -9.52 2.20
CA ASN A 183 -4.57 -9.44 2.51
C ASN A 183 -3.96 -10.56 1.96
C ASN A 183 -5.66 -10.47 2.83
N VAL A 184 -5.20 -10.32 2.34
N VAL A 184 -6.88 -9.96 2.90
CA VAL A 184 -6.22 -11.32 2.04
CA VAL A 184 -8.05 -10.66 3.29
C VAL A 184 -7.29 -10.70 1.13
C VAL A 184 -8.71 -9.91 2.11
N SER A 185 -6.77 -9.80 0.25
N SER A 185 -8.17 -9.99 0.89
CA SER A 185 -7.62 -8.99 -0.63
CA SER A 185 -8.42 -8.91 -0.13
C SER A 185 -7.14 -8.86 -2.07
C SER A 185 -7.76 -9.09 -1.49
N SER A 186 -6.10 -9.61 -2.52
CA SER A 186 -5.94 -9.68 -3.98
C SER A 186 -7.20 -10.17 -4.70
N PRO A 187 -7.60 -9.45 -5.76
CA PRO A 187 -8.66 -9.93 -6.66
C PRO A 187 -8.27 -11.11 -7.51
N ASN A 188 -6.96 -11.39 -7.57
CA ASN A 188 -6.35 -12.24 -8.66
C ASN A 188 -5.75 -13.55 -8.21
N THR A 189 -6.15 -13.98 -7.02
CA THR A 189 -5.87 -15.36 -6.57
C THR A 189 -7.18 -16.02 -6.10
N ALA A 190 -7.61 -17.10 -6.76
CA ALA A 190 -8.89 -17.75 -6.41
C ALA A 190 -8.94 -18.11 -4.92
N GLY A 191 -10.07 -17.81 -4.28
CA GLY A 191 -10.27 -18.13 -2.86
C GLY A 191 -9.76 -17.09 -1.88
N LEU A 192 -8.81 -16.28 -2.29
CA LEU A 192 -8.12 -15.42 -1.34
C LEU A 192 -9.09 -14.50 -0.49
N ARG A 193 -9.95 -13.71 -1.13
CA ARG A 193 -10.73 -12.69 -0.40
C ARG A 193 -11.71 -13.31 0.61
N SER A 194 -11.99 -14.61 0.37
CA SER A 194 -12.81 -15.46 1.24
C SER A 194 -12.13 -15.67 2.57
N LEU A 195 -10.82 -15.40 2.63
CA LEU A 195 -10.12 -15.40 3.91
C LEU A 195 -10.75 -14.40 4.89
N GLN A 196 -12.06 -14.11 4.72
CA GLN A 196 -12.94 -13.58 5.82
C GLN A 196 -14.31 -14.11 6.22
N GLY A 197 -14.65 -15.42 6.14
CA GLY A 197 -15.91 -16.04 6.79
C GLY A 197 -15.56 -16.23 8.28
N LYS A 198 -16.29 -15.57 9.22
CA LYS A 198 -15.61 -14.99 10.45
C LYS A 198 -14.70 -15.84 11.32
N ALA A 199 -15.21 -16.97 11.86
CA ALA A 199 -14.34 -17.88 12.65
C ALA A 199 -13.05 -18.37 11.91
N GLU A 200 -13.10 -18.43 10.56
CA GLU A 200 -11.93 -18.75 9.75
C GLU A 200 -10.92 -17.58 9.57
N LEU A 201 -11.40 -16.32 9.46
CA LEU A 201 -10.51 -15.15 9.57
C LEU A 201 -9.80 -15.13 10.97
N ARG A 202 -10.56 -15.40 12.01
CA ARG A 202 -10.05 -15.42 13.37
C ARG A 202 -8.99 -16.52 13.47
N ARG A 203 -9.26 -17.71 12.89
CA ARG A 203 -8.31 -18.80 12.92
C ARG A 203 -6.98 -18.42 12.19
N LEU A 204 -7.08 -17.83 11.01
CA LEU A 204 -5.93 -17.39 10.25
C LEU A 204 -5.11 -16.36 11.02
N LEU A 205 -5.80 -15.33 11.51
CA LEU A 205 -5.06 -14.22 12.17
C LEU A 205 -4.50 -14.65 13.49
N THR A 206 -5.19 -15.56 14.19
CA THR A 206 -4.61 -16.08 15.45
C THR A 206 -3.28 -16.80 15.18
N LYS A 207 -3.22 -17.58 14.08
CA LYS A 207 -2.00 -18.30 13.73
C LYS A 207 -0.91 -17.31 13.36
N VAL A 208 -1.24 -16.27 12.55
CA VAL A 208 -0.26 -15.27 12.20
C VAL A 208 0.34 -14.51 13.40
N LEU A 209 -0.52 -14.14 14.32
CA LEU A 209 -0.10 -13.41 15.48
C LEU A 209 0.72 -14.31 16.42
N GLN A 210 0.35 -15.58 16.55
CA GLN A 210 1.16 -16.49 17.36
C GLN A 210 2.58 -16.59 16.80
N GLU A 211 2.71 -16.67 15.46
CA GLU A 211 4.03 -16.76 14.85
C GLU A 211 4.81 -15.47 15.05
N ARG A 212 4.15 -14.31 14.91
CA ARG A 212 4.80 -13.04 15.15
C ARG A 212 5.27 -12.89 16.58
N ASP A 213 4.41 -13.30 17.51
CA ASP A 213 4.75 -13.19 18.94
C ASP A 213 5.93 -14.06 19.33
N GLY A 214 6.18 -15.12 18.55
CA GLY A 214 7.30 -15.98 18.75
C GLY A 214 8.66 -15.48 18.25
N LEU A 215 8.69 -14.33 17.63
CA LEU A 215 9.94 -13.73 17.21
C LEU A 215 10.57 -12.94 18.33
N ARG A 216 11.90 -12.87 18.32
CA ARG A 216 12.60 -12.09 19.34
C ARG A 216 12.20 -10.62 19.24
N ARG A 217 12.21 -9.94 20.39
CA ARG A 217 11.69 -8.61 20.51
C ARG A 217 12.15 -7.59 19.46
N VAL A 218 13.44 -7.46 19.19
CA VAL A 218 13.85 -6.44 18.22
CA VAL A 218 14.02 -6.55 18.21
C VAL A 218 13.53 -6.86 16.78
N HIS A 219 13.05 -8.05 16.59
CA HIS A 219 12.68 -8.57 15.28
C HIS A 219 11.19 -8.84 15.16
N ARG A 220 10.40 -8.25 16.05
CA ARG A 220 8.96 -8.52 16.13
C ARG A 220 8.16 -7.36 15.46
N PRO A 221 7.63 -7.59 14.24
CA PRO A 221 6.95 -6.52 13.52
C PRO A 221 5.51 -6.31 13.96
N ALA A 222 4.95 -5.13 13.65
CA ALA A 222 3.50 -4.94 13.65
C ALA A 222 2.87 -5.79 12.56
N VAL A 223 1.61 -6.19 12.78
CA VAL A 223 0.86 -6.98 11.83
C VAL A 223 -0.42 -6.20 11.45
N LEU A 224 -0.58 -5.96 10.15
CA LEU A 224 -1.75 -5.31 9.60
C LEU A 224 -2.48 -6.24 8.62
N VAL A 225 -3.78 -5.99 8.50
CA VAL A 225 -4.63 -6.70 7.55
C VAL A 225 -5.03 -5.71 6.45
N LYS A 226 -4.87 -6.12 5.21
CA LYS A 226 -5.22 -5.27 4.05
C LYS A 226 -6.52 -5.86 3.43
N ILE A 227 -7.48 -4.95 3.29
CA ILE A 227 -8.77 -5.35 2.84
C ILE A 227 -9.15 -4.67 1.50
N ALA A 228 -10.08 -5.34 0.87
CA ALA A 228 -10.66 -4.89 -0.35
C ALA A 228 -11.69 -3.81 -0.13
N PRO A 229 -12.05 -3.08 -1.17
CA PRO A 229 -13.06 -2.11 -1.13
C PRO A 229 -14.45 -2.73 -1.42
N ASP A 230 -14.50 -3.97 -1.73
CA ASP A 230 -15.69 -4.75 -2.22
C ASP A 230 -16.44 -5.56 -1.19
N LEU A 231 -16.16 -5.33 0.05
CA LEU A 231 -16.71 -6.12 1.13
C LEU A 231 -18.11 -5.72 1.43
N THR A 232 -18.91 -6.67 1.87
CA THR A 232 -20.25 -6.33 2.36
C THR A 232 -20.16 -5.63 3.71
N SER A 233 -21.25 -5.03 4.11
CA SER A 233 -21.36 -4.43 5.45
C SER A 233 -21.08 -5.49 6.50
N GLN A 234 -21.58 -6.70 6.28
CA GLN A 234 -21.35 -7.81 7.23
C GLN A 234 -19.88 -8.19 7.33
N ASP A 235 -19.21 -8.24 6.20
CA ASP A 235 -17.78 -8.58 6.16
C ASP A 235 -16.98 -7.50 6.97
N LYS A 236 -17.33 -6.21 6.77
CA LYS A 236 -16.64 -5.12 7.44
C LYS A 236 -16.83 -5.16 8.93
N GLU A 237 -18.04 -5.45 9.37
CA GLU A 237 -18.37 -5.58 10.79
CA GLU A 237 -18.26 -5.47 10.80
C GLU A 237 -17.56 -6.70 11.44
N ASP A 238 -17.51 -7.81 10.72
CA ASP A 238 -16.79 -9.02 11.13
C ASP A 238 -15.28 -8.79 11.25
N ILE A 239 -14.69 -8.14 10.23
CA ILE A 239 -13.29 -7.80 10.28
C ILE A 239 -12.97 -6.87 11.47
N ALA A 240 -13.78 -5.84 11.68
CA ALA A 240 -13.58 -4.93 12.78
C ALA A 240 -13.58 -5.68 14.10
N SER A 241 -14.55 -6.58 14.22
CA SER A 241 -14.70 -7.39 15.43
C SER A 241 -13.47 -8.25 15.75
N VAL A 242 -13.02 -8.95 14.73
CA VAL A 242 -11.86 -9.83 14.84
C VAL A 242 -10.60 -9.00 15.13
N VAL A 243 -10.39 -7.91 14.43
CA VAL A 243 -9.22 -7.10 14.66
C VAL A 243 -9.12 -6.62 16.07
N LYS A 244 -10.29 -6.24 16.63
CA LYS A 244 -10.30 -5.75 18.01
C LYS A 244 -10.03 -6.86 19.00
N GLU A 245 -10.68 -7.97 18.78
CA GLU A 245 -10.58 -9.17 19.65
C GLU A 245 -9.15 -9.69 19.72
N LEU A 246 -8.45 -9.72 18.57
CA LEU A 246 -7.10 -10.29 18.50
C LEU A 246 -5.97 -9.31 18.72
N GLY A 247 -6.30 -8.04 18.72
CA GLY A 247 -5.28 -7.00 18.87
C GLY A 247 -4.38 -6.88 17.61
N ILE A 248 -5.00 -7.02 16.44
CA ILE A 248 -4.29 -6.70 15.19
C ILE A 248 -3.83 -5.23 15.25
N ASP A 249 -2.60 -4.94 14.74
CA ASP A 249 -2.02 -3.65 14.89
C ASP A 249 -2.60 -2.54 14.03
N GLY A 250 -3.11 -2.92 12.88
CA GLY A 250 -3.67 -1.93 11.99
C GLY A 250 -4.29 -2.55 10.75
N LEU A 251 -4.88 -1.65 9.95
CA LEU A 251 -5.52 -2.03 8.72
C LEU A 251 -4.99 -1.21 7.55
N ILE A 252 -4.93 -1.84 6.38
CA ILE A 252 -4.61 -1.17 5.12
C ILE A 252 -5.89 -1.20 4.27
N VAL A 253 -6.33 -0.01 3.92
CA VAL A 253 -7.67 0.18 3.36
C VAL A 253 -7.49 1.15 2.17
N THR A 254 -7.47 0.67 0.91
CA THR A 254 -7.85 -0.58 0.40
C THR A 254 -6.92 -1.08 -0.72
N ASN A 255 -7.14 -2.36 -1.04
CA ASN A 255 -6.62 -3.02 -2.24
C ASN A 255 -7.45 -2.52 -3.46
N THR A 256 -7.19 -3.05 -4.60
CA THR A 256 -7.93 -2.75 -5.82
C THR A 256 -9.37 -3.27 -5.75
N THR A 257 -10.22 -2.75 -6.66
CA THR A 257 -11.59 -3.15 -6.71
C THR A 257 -11.90 -4.05 -7.96
N VAL A 258 -12.71 -5.10 -7.73
CA VAL A 258 -13.24 -5.92 -8.77
C VAL A 258 -14.53 -5.34 -9.40
N SER A 259 -14.99 -4.23 -8.84
CA SER A 259 -16.11 -3.51 -9.40
C SER A 259 -15.61 -2.65 -10.57
N ARG A 260 -16.60 -2.25 -11.38
CA ARG A 260 -16.35 -1.38 -12.51
C ARG A 260 -17.35 -0.23 -12.42
N PRO A 261 -16.94 0.83 -11.69
CA PRO A 261 -17.81 1.97 -11.48
C PRO A 261 -18.40 2.43 -12.80
N ALA A 262 -19.65 2.84 -12.78
CA ALA A 262 -20.24 3.49 -13.98
C ALA A 262 -19.34 4.67 -14.39
N GLY A 263 -19.21 4.87 -15.70
CA GLY A 263 -18.51 5.98 -16.21
C GLY A 263 -17.11 5.74 -16.72
N LEU A 264 -16.51 4.55 -16.51
CA LEU A 264 -15.16 4.31 -17.01
C LEU A 264 -15.25 4.43 -18.53
N GLN A 265 -14.24 5.07 -19.11
CA GLN A 265 -14.14 5.29 -20.58
C GLN A 265 -13.13 4.46 -21.29
N GLY A 266 -12.10 3.98 -20.56
CA GLY A 266 -11.00 3.32 -21.24
C GLY A 266 -11.54 2.11 -22.02
N ALA A 267 -10.85 1.89 -23.15
CA ALA A 267 -11.24 0.76 -24.01
C ALA A 267 -11.10 -0.59 -23.28
N LEU A 268 -10.15 -0.63 -22.32
CA LEU A 268 -9.84 -1.87 -21.61
C LEU A 268 -10.59 -2.07 -20.29
N ARG A 269 -11.67 -1.30 -20.09
CA ARG A 269 -12.44 -1.34 -18.85
C ARG A 269 -13.00 -2.71 -18.45
N SER A 270 -13.25 -3.60 -19.42
CA SER A 270 -13.83 -4.89 -19.14
C SER A 270 -12.79 -6.01 -19.05
N GLU A 271 -11.50 -5.69 -19.05
CA GLU A 271 -10.47 -6.70 -18.71
C GLU A 271 -10.69 -7.16 -17.28
N THR A 272 -10.49 -8.44 -17.04
CA THR A 272 -10.43 -9.03 -15.68
C THR A 272 -9.26 -8.44 -14.90
N GLY A 273 -9.55 -8.14 -13.63
CA GLY A 273 -8.50 -7.78 -12.73
C GLY A 273 -8.93 -6.70 -11.73
N GLY A 274 -8.02 -6.26 -10.93
CA GLY A 274 -8.28 -5.20 -9.98
C GLY A 274 -8.05 -3.83 -10.56
N LEU A 275 -9.03 -2.95 -10.33
CA LEU A 275 -8.97 -1.57 -10.75
C LEU A 275 -8.44 -0.65 -9.66
N SER A 276 -7.49 0.20 -10.05
CA SER A 276 -6.81 1.13 -9.18
C SER A 276 -6.87 2.55 -9.77
N GLY A 277 -6.43 3.53 -9.01
CA GLY A 277 -6.39 4.88 -9.47
C GLY A 277 -7.65 5.68 -9.18
N LYS A 278 -7.90 6.71 -9.98
N LYS A 278 -7.91 6.72 -9.97
CA LYS A 278 -8.96 7.66 -9.67
CA LYS A 278 -8.96 7.70 -9.62
C LYS A 278 -10.33 7.08 -9.40
C LYS A 278 -10.36 7.09 -9.41
N PRO A 279 -10.76 6.08 -10.20
CA PRO A 279 -12.10 5.57 -9.98
C PRO A 279 -12.29 4.80 -8.65
N LEU A 280 -11.18 4.42 -8.00
CA LEU A 280 -11.21 3.72 -6.73
C LEU A 280 -11.23 4.73 -5.58
N ARG A 281 -10.82 5.96 -5.83
CA ARG A 281 -10.52 6.90 -4.75
C ARG A 281 -11.60 6.99 -3.68
N ASP A 282 -12.80 7.38 -4.07
CA ASP A 282 -13.84 7.63 -3.13
C ASP A 282 -14.42 6.36 -2.47
N LEU A 283 -14.43 5.26 -3.16
CA LEU A 283 -14.76 3.99 -2.59
CA LEU A 283 -14.76 3.96 -2.57
C LEU A 283 -13.79 3.65 -1.45
N SER A 284 -12.50 3.87 -1.68
CA SER A 284 -11.47 3.63 -0.66
C SER A 284 -11.65 4.56 0.53
N THR A 285 -11.85 5.84 0.28
CA THR A 285 -12.04 6.83 1.35
C THR A 285 -13.25 6.48 2.24
N GLN A 286 -14.34 6.05 1.61
CA GLN A 286 -15.52 5.62 2.35
CA GLN A 286 -15.53 5.64 2.37
C GLN A 286 -15.30 4.37 3.15
N THR A 287 -14.46 3.47 2.67
CA THR A 287 -14.14 2.25 3.42
C THR A 287 -13.30 2.64 4.66
N ILE A 288 -12.35 3.56 4.51
CA ILE A 288 -11.58 4.07 5.62
C ILE A 288 -12.50 4.60 6.69
N ARG A 289 -13.43 5.43 6.26
CA ARG A 289 -14.37 6.10 7.14
C ARG A 289 -15.16 5.04 7.97
N GLU A 290 -15.67 4.02 7.32
N GLU A 290 -15.65 4.02 7.30
CA GLU A 290 -16.42 3.00 8.02
CA GLU A 290 -16.39 2.94 7.90
C GLU A 290 -15.54 2.15 8.94
C GLU A 290 -15.56 2.13 8.89
N MET A 291 -14.34 1.76 8.49
CA MET A 291 -13.47 0.94 9.37
C MET A 291 -13.01 1.76 10.61
N TYR A 292 -12.75 3.03 10.47
CA TYR A 292 -12.37 3.90 11.57
C TYR A 292 -13.48 3.95 12.58
N ALA A 293 -14.72 4.14 12.13
CA ALA A 293 -15.87 4.17 13.02
C ALA A 293 -16.06 2.82 13.72
N LEU A 294 -15.98 1.72 12.99
CA LEU A 294 -16.19 0.40 13.54
C LEU A 294 -15.14 -0.03 14.57
N THR A 295 -13.96 0.54 14.49
CA THR A 295 -12.87 0.26 15.41
C THR A 295 -12.67 1.38 16.44
N GLN A 296 -13.63 2.30 16.51
CA GLN A 296 -13.59 3.46 17.44
C GLN A 296 -12.35 4.29 17.40
N GLY A 297 -11.73 4.39 16.22
CA GLY A 297 -10.54 5.17 16.11
C GLY A 297 -9.32 4.65 16.83
N ARG A 298 -9.39 3.42 17.31
CA ARG A 298 -8.32 2.81 18.08
C ARG A 298 -7.36 1.96 17.29
N VAL A 299 -7.63 1.76 15.99
CA VAL A 299 -6.84 0.87 15.15
C VAL A 299 -6.27 1.73 14.02
N PRO A 300 -4.95 1.87 13.98
CA PRO A 300 -4.35 2.69 12.88
C PRO A 300 -4.69 2.14 11.50
N ILE A 301 -4.99 3.07 10.60
CA ILE A 301 -5.33 2.72 9.23
C ILE A 301 -4.34 3.42 8.27
N ILE A 302 -3.85 2.63 7.33
CA ILE A 302 -3.08 3.15 6.19
C ILE A 302 -4.09 3.20 5.04
N GLY A 303 -4.29 4.41 4.56
CA GLY A 303 -5.30 4.69 3.53
C GLY A 303 -4.68 4.66 2.15
N VAL A 304 -5.34 3.96 1.22
CA VAL A 304 -4.76 3.74 -0.11
CA VAL A 304 -4.74 3.76 -0.11
C VAL A 304 -5.89 3.56 -1.09
N GLY A 305 -5.72 4.17 -2.29
CA GLY A 305 -6.65 3.99 -3.40
C GLY A 305 -6.87 5.36 -4.00
N GLY A 306 -6.31 5.60 -5.16
CA GLY A 306 -6.56 6.84 -5.89
C GLY A 306 -5.99 8.14 -5.36
N VAL A 307 -4.95 8.06 -4.53
CA VAL A 307 -4.26 9.27 -4.08
C VAL A 307 -3.33 9.83 -5.14
N SER A 308 -3.64 11.07 -5.61
CA SER A 308 -2.81 11.75 -6.61
CA SER A 308 -2.76 11.74 -6.57
C SER A 308 -2.47 13.19 -6.25
N SER A 309 -3.00 13.69 -5.13
CA SER A 309 -2.83 15.05 -4.72
C SER A 309 -2.88 15.14 -3.20
N GLY A 310 -2.48 16.31 -2.72
CA GLY A 310 -2.57 16.58 -1.27
C GLY A 310 -4.00 16.54 -0.78
N GLN A 311 -4.97 17.06 -1.57
CA GLN A 311 -6.35 16.94 -1.17
C GLN A 311 -6.79 15.49 -1.03
N ASP A 312 -6.41 14.62 -1.97
CA ASP A 312 -6.79 13.22 -1.91
C ASP A 312 -6.21 12.63 -0.56
N ALA A 313 -4.98 12.97 -0.28
CA ALA A 313 -4.32 12.48 0.95
C ALA A 313 -5.01 12.96 2.21
N LEU A 314 -5.27 14.25 2.25
CA LEU A 314 -5.97 14.83 3.38
C LEU A 314 -7.34 14.31 3.59
N GLU A 315 -8.10 14.05 2.51
CA GLU A 315 -9.42 13.45 2.67
C GLU A 315 -9.34 12.06 3.39
N LYS A 316 -8.32 11.27 3.02
CA LYS A 316 -8.19 9.96 3.66
C LYS A 316 -7.78 10.11 5.14
N ILE A 317 -6.87 11.05 5.41
CA ILE A 317 -6.42 11.32 6.78
C ILE A 317 -7.60 11.78 7.65
N ARG A 318 -8.38 12.74 7.14
N ARG A 318 -8.37 12.76 7.15
CA ARG A 318 -9.58 13.20 7.88
CA ARG A 318 -9.58 13.24 7.87
C ARG A 318 -10.64 12.12 8.08
C ARG A 318 -10.63 12.14 8.08
N ALA A 319 -10.70 11.17 7.16
CA ALA A 319 -11.62 10.05 7.26
C ALA A 319 -11.16 9.02 8.31
N GLY A 320 -9.87 9.06 8.67
CA GLY A 320 -9.34 8.13 9.65
C GLY A 320 -8.00 7.55 9.42
N ALA A 321 -7.37 7.80 8.26
CA ALA A 321 -6.07 7.22 8.00
C ALA A 321 -4.95 7.98 8.74
N SER A 322 -4.04 7.24 9.41
CA SER A 322 -2.85 7.83 9.93
C SER A 322 -1.70 8.02 8.94
N LEU A 323 -1.70 7.20 7.88
CA LEU A 323 -0.67 7.24 6.83
C LEU A 323 -1.46 6.99 5.55
N VAL A 324 -0.86 7.36 4.42
CA VAL A 324 -1.46 6.99 3.10
C VAL A 324 -0.39 6.32 2.23
N GLN A 325 -0.85 5.62 1.19
CA GLN A 325 0.03 5.14 0.17
C GLN A 325 -0.52 5.52 -1.19
N LEU A 326 0.35 5.49 -2.18
CA LEU A 326 -0.07 5.61 -3.55
C LEU A 326 0.76 4.66 -4.43
N TYR A 327 0.21 4.36 -5.61
CA TYR A 327 0.88 3.59 -6.62
C TYR A 327 0.50 4.13 -7.99
N THR A 328 -0.76 3.98 -8.34
CA THR A 328 -1.18 4.29 -9.71
C THR A 328 -0.81 5.72 -10.11
N ALA A 329 -0.92 6.69 -9.23
CA ALA A 329 -0.51 8.04 -9.58
C ALA A 329 0.94 8.17 -10.03
N LEU A 330 1.87 7.40 -9.41
CA LEU A 330 3.27 7.40 -9.81
C LEU A 330 3.39 6.93 -11.26
N THR A 331 2.54 5.99 -11.64
CA THR A 331 2.61 5.43 -12.99
C THR A 331 2.22 6.42 -14.00
N PHE A 332 1.34 7.36 -13.66
CA PHE A 332 0.94 8.39 -14.60
C PHE A 332 1.80 9.66 -14.60
N TRP A 333 2.20 10.11 -13.40
CA TRP A 333 2.83 11.36 -13.21
C TRP A 333 4.31 11.33 -12.94
N GLY A 334 4.82 10.13 -12.67
CA GLY A 334 6.22 9.96 -12.40
C GLY A 334 6.64 10.39 -11.01
N PRO A 335 7.95 10.24 -10.75
CA PRO A 335 8.50 10.53 -9.43
C PRO A 335 8.14 11.89 -8.83
N PRO A 336 7.98 12.97 -9.64
CA PRO A 336 7.65 14.26 -9.02
C PRO A 336 6.33 14.26 -8.28
N VAL A 337 5.45 13.30 -8.53
CA VAL A 337 4.17 13.28 -7.82
C VAL A 337 4.32 13.18 -6.32
N VAL A 338 5.40 12.55 -5.88
CA VAL A 338 5.61 12.30 -4.43
C VAL A 338 5.79 13.65 -3.70
N GLY A 339 6.70 14.48 -4.16
CA GLY A 339 6.89 15.82 -3.62
C GLY A 339 5.63 16.67 -3.75
N LYS A 340 4.93 16.52 -4.87
CA LYS A 340 3.69 17.27 -5.10
C LYS A 340 2.70 16.99 -4.02
N VAL A 341 2.43 15.73 -3.76
CA VAL A 341 1.44 15.34 -2.76
C VAL A 341 1.85 15.91 -1.38
N LYS A 342 3.12 15.76 -1.05
CA LYS A 342 3.59 16.20 0.25
C LYS A 342 3.46 17.73 0.42
N ARG A 343 3.85 18.49 -0.63
CA ARG A 343 3.78 19.93 -0.62
C ARG A 343 2.35 20.39 -0.49
N GLU A 344 1.49 19.80 -1.28
CA GLU A 344 0.08 20.11 -1.22
C GLU A 344 -0.56 19.78 0.11
N LEU A 345 -0.24 18.64 0.68
CA LEU A 345 -0.77 18.22 1.94
C LEU A 345 -0.33 19.19 3.05
N GLU A 346 0.93 19.57 3.07
CA GLU A 346 1.38 20.54 4.06
C GLU A 346 0.61 21.87 3.96
N ALA A 347 0.43 22.36 2.76
CA ALA A 347 -0.29 23.60 2.55
C ALA A 347 -1.75 23.51 3.01
N LEU A 348 -2.42 22.39 2.73
CA LEU A 348 -3.78 22.20 3.17
C LEU A 348 -3.93 22.07 4.67
N LEU A 349 -2.97 21.39 5.28
CA LEU A 349 -2.99 21.29 6.74
C LEU A 349 -3.00 22.68 7.35
N LYS A 350 -2.09 23.54 6.87
CA LYS A 350 -2.02 24.90 7.36
C LYS A 350 -3.30 25.66 7.13
N GLU A 351 -3.85 25.56 5.92
CA GLU A 351 -5.05 26.29 5.55
C GLU A 351 -6.29 25.88 6.37
N GLN A 352 -6.33 24.64 6.84
CA GLN A 352 -7.45 24.10 7.59
C GLN A 352 -7.23 24.12 9.09
N GLY A 353 -6.13 24.74 9.53
CA GLY A 353 -5.88 24.97 10.93
C GLY A 353 -5.31 23.82 11.74
N PHE A 354 -4.73 22.85 11.07
CA PHE A 354 -4.07 21.72 11.72
C PHE A 354 -2.64 22.01 12.00
N GLY A 355 -2.22 21.60 13.21
CA GLY A 355 -0.82 21.77 13.59
C GLY A 355 0.09 20.81 12.88
N GLY A 356 -0.47 19.67 12.49
CA GLY A 356 0.30 18.69 11.77
C GLY A 356 -0.62 17.58 11.33
N VAL A 357 -0.06 16.55 10.65
CA VAL A 357 -0.83 15.40 10.24
C VAL A 357 -1.59 14.79 11.38
N THR A 358 -0.92 14.63 12.51
CA THR A 358 -1.54 13.96 13.62
C THR A 358 -2.89 14.55 14.03
N ASP A 359 -2.94 15.86 14.07
CA ASP A 359 -4.17 16.57 14.48
C ASP A 359 -5.32 16.35 13.53
N ALA A 360 -5.02 16.06 12.28
CA ALA A 360 -6.06 15.81 11.24
C ALA A 360 -6.61 14.43 11.18
N ILE A 361 -5.92 13.46 11.79
CA ILE A 361 -6.36 12.05 11.69
C ILE A 361 -7.76 11.91 12.33
N GLY A 362 -8.69 11.45 11.53
CA GLY A 362 -10.05 11.26 11.93
C GLY A 362 -10.86 12.50 12.21
N ALA A 363 -10.37 13.67 11.78
CA ALA A 363 -11.04 14.94 12.05
C ALA A 363 -12.48 15.01 11.58
N ASP A 364 -12.82 14.34 10.48
CA ASP A 364 -14.23 14.41 10.02
C ASP A 364 -15.19 13.77 11.00
N HIS A 365 -14.70 12.85 11.86
CA HIS A 365 -15.60 12.12 12.78
C HIS A 365 -15.94 12.91 14.00
N ARG A 366 -15.19 13.95 14.21
CA ARG A 366 -15.41 14.86 15.33
C ARG A 366 -16.22 16.14 15.05
N ARG A 367 -16.80 16.30 13.86
N ARG A 367 -16.54 16.29 13.75
CA ARG A 367 -17.61 17.46 13.53
CA ARG A 367 -17.46 17.31 13.15
C ARG A 367 -19.12 17.31 13.74
C ARG A 367 -18.93 17.14 13.55
N1 FMN B . -1.53 -4.87 -3.40
C2 FMN B . -0.99 -5.87 -2.66
O2 FMN B . -1.37 -5.93 -1.47
N3 FMN B . -0.10 -6.73 -3.17
C4 FMN B . 0.33 -6.76 -4.44
O4 FMN B . 1.17 -7.58 -4.88
C4A FMN B . -0.19 -5.71 -5.33
N5 FMN B . 0.07 -5.70 -6.68
C5A FMN B . -0.34 -4.60 -7.41
C6 FMN B . 0.05 -4.45 -8.75
C7 FMN B . -0.39 -3.39 -9.49
C7M FMN B . 0.12 -3.19 -10.93
C8 FMN B . -1.22 -2.40 -8.89
C8M FMN B . -1.69 -1.18 -9.66
C9 FMN B . -1.64 -2.51 -7.57
C9A FMN B . -1.24 -3.62 -6.85
N10 FMN B . -1.65 -3.76 -5.51
C10 FMN B . -1.15 -4.81 -4.73
C1' FMN B . -2.59 -2.83 -4.88
C2' FMN B . -1.97 -1.53 -4.41
O2' FMN B . -1.10 -1.82 -3.32
C3' FMN B . -3.01 -0.53 -3.94
O3' FMN B . -3.74 -1.10 -2.82
C4' FMN B . -4.02 -0.12 -5.03
O4' FMN B . -3.44 -0.12 -6.33
C5' FMN B . -4.73 1.20 -4.73
O5' FMN B . -3.81 2.29 -4.70
P FMN B . -3.58 3.22 -6.03
O1P FMN B . -2.80 4.40 -5.50
O2P FMN B . -4.96 3.64 -6.51
O3P FMN B . -2.75 2.39 -7.06
O2 DOR C . -4.41 -5.59 -7.43
C2 DOR C . -3.74 -6.44 -6.93
N1 DOR C . -3.04 -7.26 -7.70
N3 DOR C . -3.72 -6.57 -5.59
C4 DOR C . -3.03 -7.55 -5.01
O4 DOR C . -3.10 -7.80 -3.78
C5 DOR C . -2.22 -8.47 -5.83
C6 DOR C . -2.09 -8.18 -7.26
C7 DOR C . -1.68 -9.25 -8.18
O72 DOR C . -0.53 -9.64 -7.97
O71 DOR C . -2.46 -9.55 -9.12
C SDV D . 2.50 -0.80 -13.04
F SDV D . 10.40 8.13 -15.01
O SDV D . 5.21 1.66 -13.41
C1 SDV D . 1.32 -0.76 -13.89
N SDV D . 4.54 0.63 -12.65
N1 SDV D . 5.97 3.57 -15.07
O1 SDV D . 4.05 3.38 -16.23
C2 SDV D . 1.18 0.01 -15.14
N2 SDV D . 9.08 6.23 -13.63
C3 SDV D . 2.25 1.00 -15.54
N3 SDV D . 8.09 6.42 -12.69
C4 SDV D . 3.34 1.07 -14.54
C5 SDV D . 3.49 0.23 -13.36
C6 SDV D . 4.45 1.92 -14.48
C7 SDV D . 4.87 3.02 -15.36
C8 SDV D . 6.35 4.92 -15.53
C9 SDV D . 7.05 4.77 -16.88
C10 SDV D . 8.50 4.33 -16.81
C11 SDV D . 9.38 5.25 -16.00
C12 SDV D . 8.67 5.68 -14.75
C13 SDV D . 7.28 5.52 -14.60
C14 SDV D . 6.94 5.98 -13.30
C15 SDV D . 10.36 6.57 -13.31
C16 SDV D . 11.02 5.98 -12.26
C17 SDV D . 12.36 6.34 -11.92
C18 SDV D . 13.01 7.32 -12.66
C19 SDV D . 12.38 7.89 -13.70
C20 SDV D . 11.09 7.54 -14.03
N1 DDQ E . 20.48 13.63 -12.34
O1 DDQ E . 19.63 14.04 -11.51
CM1 DDQ E . 21.78 13.49 -11.66
CM2 DDQ E . 20.64 14.61 -13.44
C1 DDQ E . 20.02 12.32 -12.82
C2 DDQ E . 18.51 12.29 -13.03
C3 DDQ E . 18.02 11.02 -13.71
C4 DDQ E . 16.77 11.30 -14.55
C5 DDQ E . 16.48 10.17 -15.53
C6 DDQ E . 15.03 10.17 -16.00
C7 DDQ E . 14.64 8.84 -16.67
C8 DDQ E . 13.53 8.97 -17.71
C9 DDQ E . 13.45 7.75 -18.63
C10 DDQ E . 12.74 6.57 -18.00
C ACY F . 13.81 -2.48 10.85
O ACY F . 14.82 -2.04 10.42
OXT ACY F . 13.37 -2.00 11.93
CH3 ACY F . 13.08 -3.51 10.03
C ACY G . -16.47 10.62 0.52
O ACY G . -17.44 11.34 0.63
OXT ACY G . -15.75 10.26 1.50
CH3 ACY G . -16.26 10.08 -0.81
C ACY H . 11.39 -10.90 -12.78
O ACY H . 10.27 -11.43 -12.53
OXT ACY H . 11.97 -10.10 -12.01
CH3 ACY H . 12.05 -11.28 -14.05
C ACY I . 7.43 -7.18 -11.97
O ACY I . 8.61 -6.84 -12.16
OXT ACY I . 6.98 -7.26 -10.79
CH3 ACY I . 6.55 -7.52 -13.15
C1 GOL J . 11.08 -20.19 3.01
O1 GOL J . 12.28 -20.57 3.78
C2 GOL J . 10.50 -21.46 2.38
O2 GOL J . 11.28 -21.79 1.24
C3 GOL J . 9.06 -21.32 1.91
O3 GOL J . 8.75 -22.41 1.03
C1 GOL K . 19.57 -6.69 -6.45
O1 GOL K . 18.43 -6.11 -5.74
C2 GOL K . 19.27 -8.18 -6.68
O2 GOL K . 19.57 -8.94 -5.54
C3 GOL K . 20.00 -9.03 -7.66
O3 GOL K . 19.39 -10.26 -7.21
C1 GOL L . -19.37 -14.92 15.75
O1 GOL L . -18.79 -14.36 16.95
C2 GOL L . -18.72 -16.25 15.33
O2 GOL L . -17.63 -16.43 16.18
C3 GOL L . -18.11 -16.38 13.91
O3 GOL L . -18.58 -17.48 13.07
S SO4 M . 18.74 -10.07 18.34
O1 SO4 M . 17.39 -10.67 18.38
O2 SO4 M . 19.08 -9.67 16.91
O3 SO4 M . 18.72 -8.91 19.21
O4 SO4 M . 19.84 -10.93 18.91
S SO4 N . 10.06 -10.01 25.24
O1 SO4 N . 9.72 -11.17 24.37
O2 SO4 N . 9.36 -8.76 24.83
O3 SO4 N . 9.63 -10.39 26.57
O4 SO4 N . 11.55 -9.85 25.21
CL CL O . -17.66 -2.72 -21.90
CL CL P . 16.29 16.63 -12.48
CL CL Q . -23.78 -4.80 1.87
#